data_4NBX
#
_entry.id   4NBX
#
_cell.length_a   96.970
_cell.length_b   96.970
_cell.length_c   61.120
_cell.angle_alpha   90.00
_cell.angle_beta   90.00
_cell.angle_gamma   120.00
#
_symmetry.space_group_name_H-M   'P 65'
#
loop_
_entity.id
_entity.type
_entity.pdbx_description
1 polymer TcdA
2 polymer 'A20.1 VHH'
3 water water
#
loop_
_entity_poly.entity_id
_entity_poly.type
_entity_poly.pdbx_seq_one_letter_code
_entity_poly.pdbx_strand_id
1 'polypeptide(L)'
;HHHHHHTGWVTIDGRRYYFEPNTAIGANGYKIIDNKNFYFRNGLPQIGVFKGPNGFEYFAPANTDANNIDGQAIRYQNRF
LHLLGNIYYFGNNSKAVTGWQTINGNMYYFMPDTAMAAAGGLFEIDGVIYFFGVDGVKAPGIY
;
A
2 'polypeptide(L)'
;QPAMAQAQVQLVESGGGLAQAGGSLRLSCAASGRTFSMDPMAWFRQPPGKEREFVAAGSSTGRTTYYADSVKGRFTISRD
NAKNTVYLQMNSLKPEDTAVYYCAAAPYGANWYRDEYAYWGQGTQVTVSSGQAGQGSEQKLISEEDLNHHHHHH
;
B
#
# COMPACT_ATOMS: atom_id res chain seq x y z
N HIS A 1 24.13 27.77 -3.64
CA HIS A 1 23.41 26.48 -3.83
C HIS A 1 22.87 25.93 -2.51
N HIS A 2 21.93 24.99 -2.61
CA HIS A 2 21.26 24.41 -1.43
C HIS A 2 22.18 23.54 -0.56
N HIS A 3 23.08 22.81 -1.20
CA HIS A 3 24.05 21.97 -0.49
C HIS A 3 25.47 22.51 -0.63
N HIS A 4 26.29 22.28 0.39
CA HIS A 4 27.73 22.49 0.25
C HIS A 4 28.31 21.30 -0.53
N HIS A 5 29.63 21.29 -0.71
CA HIS A 5 30.27 20.20 -1.41
C HIS A 5 30.39 18.99 -0.47
N HIS A 6 29.84 17.86 -0.91
CA HIS A 6 29.98 16.57 -0.24
C HIS A 6 30.40 15.57 -1.33
N THR A 7 30.97 14.43 -0.95
CA THR A 7 31.23 13.36 -1.93
C THR A 7 30.83 12.01 -1.36
N GLY A 8 30.36 11.12 -2.22
CA GLY A 8 29.87 9.80 -1.80
C GLY A 8 28.60 9.89 -0.96
N TRP A 9 28.38 8.88 -0.13
CA TRP A 9 27.21 8.79 0.76
C TRP A 9 27.42 9.66 2.01
N VAL A 10 26.46 10.52 2.29
CA VAL A 10 26.48 11.34 3.51
C VAL A 10 25.11 11.37 4.18
N THR A 11 25.10 11.46 5.52
CA THR A 11 23.86 11.58 6.27
C THR A 11 23.53 13.06 6.51
N ILE A 12 22.36 13.49 6.03
CA ILE A 12 21.88 14.85 6.24
C ILE A 12 20.42 14.81 6.68
N ASP A 13 20.16 15.41 7.85
CA ASP A 13 18.79 15.54 8.39
C ASP A 13 18.02 14.22 8.27
N GLY A 14 18.63 13.14 8.74
CA GLY A 14 17.96 11.85 8.85
C GLY A 14 17.82 11.02 7.59
N ARG A 15 18.45 11.45 6.49
CA ARG A 15 18.44 10.69 5.25
C ARG A 15 19.84 10.55 4.68
N ARG A 16 20.09 9.46 3.95
CA ARG A 16 21.34 9.26 3.23
C ARG A 16 21.25 9.83 1.82
N TYR A 17 22.19 10.71 1.49
CA TYR A 17 22.29 11.30 0.15
C TYR A 17 23.57 10.82 -0.53
N TYR A 18 23.55 10.70 -1.86
CA TYR A 18 24.77 10.39 -2.61
C TYR A 18 25.19 11.56 -3.49
N PHE A 19 26.43 12.00 -3.30
CA PHE A 19 27.00 13.09 -4.07
C PHE A 19 28.05 12.53 -5.02
N GLU A 20 28.04 12.99 -6.27
CA GLU A 20 28.95 12.47 -7.29
C GLU A 20 30.40 12.75 -6.92
N PRO A 21 31.24 11.70 -6.84
CA PRO A 21 32.63 11.88 -6.45
C PRO A 21 33.42 12.87 -7.32
N ASN A 22 33.05 12.99 -8.60
CA ASN A 22 33.82 13.85 -9.52
C ASN A 22 33.43 15.33 -9.53
N THR A 23 32.22 15.65 -9.07
CA THR A 23 31.71 17.02 -9.12
C THR A 23 31.32 17.56 -7.75
N ALA A 24 31.11 16.67 -6.79
CA ALA A 24 30.63 17.04 -5.45
C ALA A 24 29.23 17.67 -5.46
N ILE A 25 28.43 17.37 -6.48
CA ILE A 25 27.00 17.76 -6.46
C ILE A 25 26.10 16.52 -6.39
N GLY A 26 24.86 16.71 -5.94
CA GLY A 26 23.96 15.59 -5.70
C GLY A 26 23.70 14.78 -6.96
N ALA A 27 23.67 13.46 -6.82
CA ALA A 27 23.35 12.55 -7.93
C ALA A 27 21.93 12.75 -8.47
N ASN A 28 21.76 12.46 -9.76
CA ASN A 28 20.45 12.53 -10.41
C ASN A 28 20.22 11.30 -11.28
N GLY A 29 19.03 10.75 -11.19
CA GLY A 29 18.64 9.59 -12.02
C GLY A 29 19.03 8.25 -11.41
N TYR A 30 18.86 7.19 -12.21
CA TYR A 30 19.12 5.83 -11.75
C TYR A 30 20.61 5.58 -11.59
N LYS A 31 20.98 4.90 -10.50
CA LYS A 31 22.33 4.41 -10.31
C LYS A 31 22.37 3.15 -9.45
N ILE A 32 23.20 2.19 -9.86
CA ILE A 32 23.52 1.05 -9.03
C ILE A 32 24.81 1.35 -8.27
N ILE A 33 24.74 1.32 -6.94
CA ILE A 33 25.89 1.61 -6.08
C ILE A 33 26.05 0.45 -5.11
N ASP A 34 27.22 -0.20 -5.15
CA ASP A 34 27.49 -1.41 -4.36
C ASP A 34 26.34 -2.42 -4.44
N ASN A 35 25.91 -2.70 -5.66
CA ASN A 35 24.85 -3.67 -5.95
C ASN A 35 23.51 -3.36 -5.26
N LYS A 36 23.21 -2.07 -5.10
CA LYS A 36 21.90 -1.63 -4.63
C LYS A 36 21.40 -0.57 -5.61
N ASN A 37 20.14 -0.67 -6.04
CA ASN A 37 19.61 0.24 -7.07
C ASN A 37 18.82 1.39 -6.45
N PHE A 38 19.14 2.61 -6.88
CA PHE A 38 18.47 3.84 -6.41
C PHE A 38 18.06 4.74 -7.57
N TYR A 39 17.11 5.63 -7.31
CA TYR A 39 16.68 6.60 -8.29
C TYR A 39 16.74 7.97 -7.63
N PHE A 40 17.72 8.78 -8.03
CA PHE A 40 18.06 10.00 -7.30
C PHE A 40 17.42 11.26 -7.85
N ARG A 41 17.10 12.19 -6.95
CA ARG A 41 16.84 13.57 -7.31
C ARG A 41 17.65 14.45 -6.37
N ASN A 42 18.57 15.22 -6.94
CA ASN A 42 19.47 16.08 -6.16
C ASN A 42 20.09 15.37 -4.95
N GLY A 43 20.62 14.17 -5.20
CA GLY A 43 21.33 13.39 -4.15
C GLY A 43 20.46 12.49 -3.28
N LEU A 44 19.15 12.71 -3.27
CA LEU A 44 18.24 11.98 -2.39
C LEU A 44 17.54 10.83 -3.12
N PRO A 45 17.69 9.59 -2.62
CA PRO A 45 16.92 8.47 -3.17
C PRO A 45 15.42 8.75 -3.10
N GLN A 46 14.74 8.58 -4.23
CA GLN A 46 13.29 8.74 -4.28
C GLN A 46 12.62 7.43 -3.91
N ILE A 47 11.43 7.52 -3.34
CA ILE A 47 10.69 6.33 -2.91
C ILE A 47 9.41 6.23 -3.73
N GLY A 48 9.22 5.08 -4.38
CA GLY A 48 8.07 4.88 -5.29
C GLY A 48 8.46 4.02 -6.48
N VAL A 49 7.65 4.08 -7.54
CA VAL A 49 7.90 3.27 -8.74
C VAL A 49 8.44 4.18 -9.84
N PHE A 50 9.69 3.97 -10.26
CA PHE A 50 10.31 4.83 -11.26
C PHE A 50 10.98 4.04 -12.36
N LYS A 51 11.07 4.64 -13.54
CA LYS A 51 11.64 3.96 -14.70
C LYS A 51 13.16 4.01 -14.75
N GLY A 52 13.79 2.86 -14.54
CA GLY A 52 15.23 2.72 -14.72
C GLY A 52 15.55 2.21 -16.12
N PRO A 53 16.84 1.95 -16.41
CA PRO A 53 17.30 1.52 -17.73
C PRO A 53 16.89 0.08 -18.11
N ASN A 54 16.22 -0.63 -17.21
CA ASN A 54 15.62 -1.93 -17.56
C ASN A 54 14.16 -2.03 -17.08
N GLY A 55 13.47 -0.89 -17.01
CA GLY A 55 12.04 -0.87 -16.65
C GLY A 55 11.75 -0.26 -15.29
N PHE A 56 10.47 -0.25 -14.93
CA PHE A 56 10.01 0.30 -13.65
C PHE A 56 10.33 -0.62 -12.47
N GLU A 57 11.09 -0.10 -11.50
CA GLU A 57 11.39 -0.84 -10.26
C GLU A 57 10.66 -0.22 -9.07
N TYR A 58 10.49 -1.01 -8.00
CA TYR A 58 9.91 -0.50 -6.74
C TYR A 58 11.07 -0.09 -5.83
N PHE A 59 11.31 1.21 -5.77
CA PHE A 59 12.29 1.81 -4.86
C PHE A 59 11.59 2.04 -3.52
N ALA A 60 11.79 1.10 -2.59
CA ALA A 60 10.84 0.93 -1.48
C ALA A 60 11.25 1.64 -0.18
N PRO A 61 10.26 1.96 0.68
CA PRO A 61 10.60 2.34 2.05
C PRO A 61 11.45 1.27 2.72
N ALA A 62 12.30 1.69 3.65
CA ALA A 62 13.13 0.77 4.44
C ALA A 62 12.32 -0.39 5.01
N ASN A 63 12.93 -1.57 5.03
CA ASN A 63 12.36 -2.77 5.68
C ASN A 63 11.07 -3.29 5.03
N THR A 64 11.03 -3.26 3.70
CA THR A 64 9.92 -3.81 2.93
C THR A 64 10.24 -5.23 2.44
N ASP A 65 11.49 -5.44 2.05
CA ASP A 65 11.95 -6.78 1.67
C ASP A 65 13.44 -6.92 1.93
N ALA A 66 13.83 -8.04 2.55
CA ALA A 66 15.24 -8.36 2.80
C ALA A 66 16.03 -7.21 3.43
N ASN A 67 15.41 -6.51 4.37
CA ASN A 67 16.03 -5.40 5.09
C ASN A 67 16.61 -4.33 4.16
N ASN A 68 15.88 -4.02 3.09
CA ASN A 68 16.29 -2.92 2.20
C ASN A 68 16.29 -1.60 2.96
N ILE A 69 17.09 -0.64 2.49
CA ILE A 69 17.07 0.70 3.08
C ILE A 69 16.19 1.63 2.24
N ASP A 70 15.91 2.82 2.76
CA ASP A 70 15.05 3.79 2.08
C ASP A 70 15.48 4.04 0.63
N GLY A 71 14.55 3.81 -0.30
CA GLY A 71 14.81 4.09 -1.72
C GLY A 71 15.51 2.99 -2.51
N GLN A 72 15.86 1.89 -1.83
CA GLN A 72 16.54 0.77 -2.50
C GLN A 72 15.52 -0.09 -3.22
N ALA A 73 15.79 -0.42 -4.49
CA ALA A 73 14.92 -1.30 -5.25
C ALA A 73 14.89 -2.68 -4.62
N ILE A 74 13.70 -3.29 -4.64
CA ILE A 74 13.51 -4.60 -4.03
C ILE A 74 12.99 -5.66 -5.01
N ARG A 75 13.27 -6.92 -4.68
CA ARG A 75 12.56 -8.05 -5.27
C ARG A 75 11.06 -7.87 -4.96
N TYR A 76 10.22 -8.00 -5.99
CA TYR A 76 8.77 -7.84 -5.84
C TYR A 76 8.08 -8.56 -7.01
N GLN A 77 7.63 -9.79 -6.76
CA GLN A 77 7.31 -10.73 -7.84
C GLN A 77 5.86 -11.18 -7.93
N ASN A 78 5.31 -11.10 -9.13
CA ASN A 78 3.99 -11.70 -9.49
C ASN A 78 2.86 -11.27 -8.56
N ARG A 79 2.75 -9.95 -8.34
CA ARG A 79 1.73 -9.41 -7.45
C ARG A 79 1.43 -7.95 -7.76
N PHE A 80 0.28 -7.47 -7.29
CA PHE A 80 -0.09 -6.07 -7.42
C PHE A 80 0.64 -5.24 -6.37
N LEU A 81 0.93 -3.98 -6.69
CA LEU A 81 1.40 -3.00 -5.71
C LEU A 81 0.38 -1.86 -5.69
N HIS A 82 -0.18 -1.61 -4.51
CA HIS A 82 -1.16 -0.56 -4.34
C HIS A 82 -0.49 0.58 -3.57
N LEU A 83 0.10 1.52 -4.30
CA LEU A 83 0.95 2.55 -3.66
C LEU A 83 0.37 3.93 -3.91
N LEU A 84 0.19 4.70 -2.83
CA LEU A 84 -0.25 6.09 -2.92
C LEU A 84 -1.55 6.26 -3.71
N GLY A 85 -2.41 5.24 -3.68
CA GLY A 85 -3.69 5.30 -4.40
C GLY A 85 -3.62 4.85 -5.85
N ASN A 86 -2.44 4.44 -6.30
CA ASN A 86 -2.19 4.04 -7.69
C ASN A 86 -1.96 2.53 -7.77
N ILE A 87 -2.26 1.93 -8.92
CA ILE A 87 -2.24 0.47 -9.05
C ILE A 87 -1.17 0.05 -10.06
N TYR A 88 -0.26 -0.81 -9.61
CA TYR A 88 0.79 -1.41 -10.45
C TYR A 88 0.67 -2.93 -10.41
N TYR A 89 1.20 -3.61 -11.43
CA TYR A 89 1.36 -5.06 -11.34
C TYR A 89 2.80 -5.41 -11.69
N PHE A 90 3.42 -6.23 -10.84
CA PHE A 90 4.82 -6.63 -11.02
C PHE A 90 4.91 -8.08 -11.47
N GLY A 91 5.67 -8.31 -12.54
CA GLY A 91 5.90 -9.66 -13.05
C GLY A 91 7.00 -10.41 -12.33
N ASN A 92 7.45 -11.50 -12.94
CA ASN A 92 8.41 -12.40 -12.30
C ASN A 92 9.81 -11.80 -12.16
N ASN A 93 10.10 -10.81 -13.00
CA ASN A 93 11.38 -10.10 -13.03
C ASN A 93 11.43 -8.87 -12.12
N SER A 94 10.41 -8.69 -11.28
CA SER A 94 10.32 -7.55 -10.35
C SER A 94 10.28 -6.19 -11.05
N LYS A 95 9.67 -6.16 -12.24
CA LYS A 95 9.45 -4.91 -12.97
C LYS A 95 7.95 -4.70 -13.18
N ALA A 96 7.49 -3.45 -13.09
CA ALA A 96 6.08 -3.15 -13.30
C ALA A 96 5.74 -3.27 -14.78
N VAL A 97 4.62 -3.95 -15.07
CA VAL A 97 4.16 -4.12 -16.45
C VAL A 97 3.58 -2.82 -17.03
N THR A 98 3.66 -2.68 -18.35
CA THR A 98 3.04 -1.55 -19.04
C THR A 98 2.17 -2.01 -20.21
N GLY A 99 1.31 -1.11 -20.68
CA GLY A 99 0.37 -1.41 -21.77
C GLY A 99 -0.79 -2.30 -21.37
N TRP A 100 -1.42 -2.91 -22.38
CA TRP A 100 -2.54 -3.81 -22.15
C TRP A 100 -2.04 -5.11 -21.51
N GLN A 101 -2.72 -5.55 -20.46
CA GLN A 101 -2.37 -6.78 -19.75
C GLN A 101 -3.64 -7.49 -19.33
N THR A 102 -3.61 -8.82 -19.39
CA THR A 102 -4.67 -9.63 -18.82
C THR A 102 -4.13 -10.31 -17.55
N ILE A 103 -4.76 -10.02 -16.42
CA ILE A 103 -4.35 -10.57 -15.13
C ILE A 103 -5.55 -11.21 -14.41
N ASN A 104 -5.44 -12.51 -14.13
CA ASN A 104 -6.50 -13.29 -13.49
C ASN A 104 -7.83 -13.21 -14.27
N GLY A 105 -7.72 -13.10 -15.59
CA GLY A 105 -8.90 -13.09 -16.45
C GLY A 105 -9.44 -11.72 -16.80
N ASN A 106 -8.94 -10.67 -16.12
CA ASN A 106 -9.38 -9.29 -16.31
C ASN A 106 -8.37 -8.46 -17.12
N MET A 107 -8.86 -7.53 -17.95
CA MET A 107 -7.98 -6.65 -18.76
C MET A 107 -7.73 -5.31 -18.06
N TYR A 108 -6.46 -4.88 -18.13
CA TYR A 108 -6.00 -3.61 -17.57
C TYR A 108 -5.23 -2.86 -18.64
N TYR A 109 -5.07 -1.55 -18.47
CA TYR A 109 -4.10 -0.79 -19.25
C TYR A 109 -3.19 0.00 -18.31
N PHE A 110 -1.92 -0.36 -18.29
CA PHE A 110 -0.92 0.33 -17.48
C PHE A 110 -0.21 1.40 -18.31
N MET A 111 -0.34 2.67 -17.89
CA MET A 111 0.22 3.81 -18.63
C MET A 111 1.72 3.64 -18.88
N PRO A 112 2.16 3.79 -20.15
CA PRO A 112 3.57 3.59 -20.46
C PRO A 112 4.54 4.52 -19.73
N ASP A 113 4.11 5.75 -19.44
CA ASP A 113 5.01 6.71 -18.79
C ASP A 113 5.12 6.60 -17.26
N THR A 114 4.16 5.95 -16.61
CA THR A 114 4.13 5.85 -15.13
C THR A 114 3.98 4.41 -14.59
N ALA A 115 3.55 3.50 -15.47
CA ALA A 115 3.19 2.12 -15.10
C ALA A 115 1.92 2.03 -14.24
N MET A 116 1.20 3.14 -14.08
CA MET A 116 -0.01 3.14 -13.25
C MET A 116 -1.22 2.68 -14.07
N ALA A 117 -2.06 1.83 -13.48
CA ALA A 117 -3.29 1.40 -14.16
C ALA A 117 -4.23 2.57 -14.44
N ALA A 118 -4.77 2.62 -15.67
CA ALA A 118 -5.91 3.48 -15.96
C ALA A 118 -7.06 3.04 -15.06
N ALA A 119 -7.65 3.99 -14.33
CA ALA A 119 -8.63 3.65 -13.30
C ALA A 119 -9.58 4.80 -13.01
N GLY A 120 -10.84 4.46 -12.72
CA GLY A 120 -11.80 5.41 -12.18
C GLY A 120 -12.44 6.34 -13.17
N GLY A 121 -12.61 5.87 -14.41
CA GLY A 121 -13.29 6.66 -15.44
C GLY A 121 -12.99 6.28 -16.89
N LEU A 122 -13.31 7.21 -17.79
CA LEU A 122 -13.12 7.02 -19.22
C LEU A 122 -11.72 7.45 -19.63
N PHE A 123 -11.03 6.59 -20.37
CA PHE A 123 -9.68 6.86 -20.86
C PHE A 123 -9.57 6.65 -22.37
N GLU A 124 -8.98 7.61 -23.07
CA GLU A 124 -8.70 7.47 -24.49
C GLU A 124 -7.32 6.86 -24.71
N ILE A 125 -7.32 5.68 -25.32
CA ILE A 125 -6.10 4.94 -25.61
C ILE A 125 -6.07 4.62 -27.10
N ASP A 126 -5.09 5.19 -27.80
CA ASP A 126 -4.92 5.00 -29.24
C ASP A 126 -6.21 5.27 -30.05
N GLY A 127 -6.86 6.38 -29.74
CA GLY A 127 -8.04 6.84 -30.48
C GLY A 127 -9.38 6.26 -30.07
N VAL A 128 -9.37 5.25 -29.20
CA VAL A 128 -10.60 4.59 -28.73
C VAL A 128 -10.82 4.88 -27.24
N ILE A 129 -12.07 5.15 -26.86
CA ILE A 129 -12.39 5.41 -25.45
C ILE A 129 -12.87 4.13 -24.75
N TYR A 130 -12.22 3.83 -23.62
CA TYR A 130 -12.58 2.69 -22.78
C TYR A 130 -12.98 3.14 -21.36
N PHE A 131 -13.72 2.28 -20.66
CA PHE A 131 -14.16 2.50 -19.29
C PHE A 131 -13.36 1.62 -18.32
N PHE A 132 -12.71 2.25 -17.34
CA PHE A 132 -11.99 1.51 -16.31
C PHE A 132 -12.61 1.73 -14.94
N GLY A 133 -12.80 0.63 -14.20
CA GLY A 133 -13.31 0.68 -12.84
C GLY A 133 -12.32 1.29 -11.86
N VAL A 134 -12.78 1.52 -10.63
CA VAL A 134 -11.90 2.02 -9.56
C VAL A 134 -10.75 1.06 -9.25
N ASP A 135 -10.93 -0.20 -9.63
CA ASP A 135 -9.94 -1.25 -9.42
C ASP A 135 -9.05 -1.46 -10.67
N GLY A 136 -9.22 -0.61 -11.67
CA GLY A 136 -8.40 -0.64 -12.89
C GLY A 136 -8.88 -1.65 -13.93
N VAL A 137 -9.94 -2.40 -13.62
CA VAL A 137 -10.45 -3.40 -14.57
C VAL A 137 -11.27 -2.73 -15.68
N LYS A 138 -10.96 -3.07 -16.92
CA LYS A 138 -11.70 -2.58 -18.09
C LYS A 138 -13.12 -3.17 -18.15
N ALA A 139 -14.12 -2.30 -18.23
CA ALA A 139 -15.51 -2.75 -18.36
C ALA A 139 -15.77 -3.26 -19.79
N PRO A 140 -16.82 -4.07 -19.97
CA PRO A 140 -17.16 -4.46 -21.33
C PRO A 140 -17.59 -3.25 -22.17
N GLY A 141 -17.29 -3.29 -23.46
CA GLY A 141 -17.81 -2.29 -24.41
C GLY A 141 -16.89 -1.17 -24.83
N ILE A 142 -17.34 -0.38 -25.81
CA ILE A 142 -16.63 0.80 -26.31
C ILE A 142 -17.42 2.06 -25.95
N TYR A 143 -16.71 3.17 -25.71
CA TYR A 143 -17.31 4.40 -25.21
C TYR A 143 -16.84 5.60 -26.02
N GLN B 8 10.71 -8.34 11.72
CA GLN B 8 10.85 -7.13 12.59
C GLN B 8 9.56 -6.30 12.61
N VAL B 9 8.82 -6.32 11.50
CA VAL B 9 7.58 -5.54 11.38
C VAL B 9 6.44 -6.20 12.15
N GLN B 10 5.71 -5.38 12.91
CA GLN B 10 4.61 -5.85 13.74
C GLN B 10 3.40 -4.94 13.63
N LEU B 11 2.22 -5.55 13.52
CA LEU B 11 0.95 -4.84 13.67
C LEU B 11 0.31 -5.38 14.95
N VAL B 12 -0.03 -4.48 15.87
CA VAL B 12 -0.55 -4.88 17.19
C VAL B 12 -1.90 -4.25 17.48
N GLU B 13 -2.92 -5.10 17.62
CA GLU B 13 -4.28 -4.64 17.89
C GLU B 13 -4.55 -4.48 19.39
N SER B 14 -5.33 -3.46 19.74
CA SER B 14 -5.79 -3.24 21.11
C SER B 14 -7.19 -2.66 21.11
N GLY B 15 -7.88 -2.77 22.24
CA GLY B 15 -9.22 -2.20 22.40
C GLY B 15 -10.35 -3.19 22.24
N GLY B 16 -10.02 -4.48 22.15
CA GLY B 16 -11.02 -5.54 22.03
C GLY B 16 -11.66 -5.88 23.36
N GLY B 17 -12.32 -7.03 23.40
CA GLY B 17 -12.94 -7.53 24.63
C GLY B 17 -14.46 -7.62 24.55
N LEU B 18 -15.09 -7.60 25.73
CA LEU B 18 -16.54 -7.72 25.84
C LEU B 18 -17.25 -6.37 25.75
N ALA B 19 -18.44 -6.38 25.16
CA ALA B 19 -19.31 -5.19 25.07
C ALA B 19 -20.77 -5.63 24.94
N GLN B 20 -21.68 -4.72 25.27
CA GLN B 20 -23.10 -4.99 25.15
C GLN B 20 -23.66 -4.47 23.84
N ALA B 21 -24.67 -5.16 23.30
CA ALA B 21 -25.34 -4.76 22.07
C ALA B 21 -25.86 -3.32 22.15
N GLY B 22 -25.65 -2.57 21.07
CA GLY B 22 -26.02 -1.15 21.02
C GLY B 22 -24.89 -0.21 21.45
N GLY B 23 -23.89 -0.77 22.13
CA GLY B 23 -22.76 0.00 22.65
C GLY B 23 -21.65 0.22 21.64
N SER B 24 -20.49 0.67 22.12
CA SER B 24 -19.36 1.06 21.28
C SER B 24 -18.03 0.44 21.70
N LEU B 25 -17.15 0.23 20.72
CA LEU B 25 -15.75 -0.14 20.96
C LEU B 25 -14.87 0.56 19.94
N ARG B 26 -13.62 0.81 20.32
CA ARG B 26 -12.64 1.37 19.39
C ARG B 26 -11.38 0.51 19.37
N LEU B 27 -11.07 -0.05 18.20
CA LEU B 27 -9.86 -0.83 18.03
C LEU B 27 -8.75 0.09 17.52
N SER B 28 -7.53 -0.18 17.97
CA SER B 28 -6.34 0.51 17.48
C SER B 28 -5.39 -0.56 16.96
N CYS B 29 -4.71 -0.25 15.87
CA CYS B 29 -3.67 -1.13 15.35
C CYS B 29 -2.40 -0.31 15.18
N ALA B 30 -1.44 -0.52 16.07
CA ALA B 30 -0.18 0.22 16.03
C ALA B 30 0.86 -0.58 15.24
N ALA B 31 1.38 0.04 14.19
CA ALA B 31 2.39 -0.59 13.36
C ALA B 31 3.79 -0.11 13.75
N SER B 32 4.76 -1.00 13.67
CA SER B 32 6.17 -0.65 13.94
C SER B 32 7.15 -1.41 13.04
N GLY B 33 8.35 -0.86 12.89
CA GLY B 33 9.41 -1.50 12.11
C GLY B 33 9.50 -1.06 10.66
N ARG B 34 8.46 -0.38 10.18
CA ARG B 34 8.38 0.10 8.81
C ARG B 34 7.27 1.14 8.70
N THR B 35 7.45 2.15 7.86
CA THR B 35 6.43 3.21 7.72
C THR B 35 5.37 2.78 6.71
N PHE B 36 4.10 2.95 7.07
CA PHE B 36 2.99 2.50 6.23
C PHE B 36 2.24 3.63 5.53
N SER B 37 2.81 4.83 5.54
CA SER B 37 2.12 6.01 4.99
C SER B 37 1.80 5.97 3.51
N MET B 38 2.40 5.04 2.77
CA MET B 38 2.11 4.90 1.33
C MET B 38 1.12 3.76 1.04
N ASP B 39 0.79 2.96 2.05
CA ASP B 39 0.02 1.73 1.87
C ASP B 39 -1.42 1.85 2.39
N PRO B 40 -2.39 1.24 1.69
CA PRO B 40 -3.70 1.04 2.32
C PRO B 40 -3.59 0.16 3.57
N MET B 41 -4.46 0.41 4.54
CA MET B 41 -4.54 -0.39 5.75
C MET B 41 -5.99 -0.81 5.93
N ALA B 42 -6.21 -1.97 6.56
CA ALA B 42 -7.53 -2.59 6.59
C ALA B 42 -7.84 -3.32 7.89
N TRP B 43 -9.12 -3.59 8.10
CA TRP B 43 -9.59 -4.51 9.14
C TRP B 43 -10.34 -5.69 8.53
N PHE B 44 -10.03 -6.88 9.02
CA PHE B 44 -10.75 -8.10 8.68
C PHE B 44 -11.25 -8.73 9.98
N ARG B 45 -12.19 -9.67 9.87
CA ARG B 45 -12.65 -10.41 11.05
C ARG B 45 -12.91 -11.89 10.76
N GLN B 46 -12.70 -12.73 11.77
CA GLN B 46 -12.99 -14.15 11.68
C GLN B 46 -14.01 -14.58 12.73
N PRO B 47 -15.29 -14.72 12.33
CA PRO B 47 -16.33 -15.29 13.18
C PRO B 47 -16.07 -16.77 13.46
N PRO B 48 -16.60 -17.30 14.58
CA PRO B 48 -16.41 -18.72 14.94
C PRO B 48 -16.87 -19.67 13.83
N GLY B 49 -16.00 -20.61 13.47
CA GLY B 49 -16.32 -21.62 12.46
C GLY B 49 -16.18 -21.19 11.01
N LYS B 50 -16.27 -19.88 10.76
CA LYS B 50 -16.23 -19.33 9.41
C LYS B 50 -14.86 -18.78 9.04
N GLU B 51 -14.67 -18.48 7.75
CA GLU B 51 -13.41 -17.95 7.23
C GLU B 51 -13.26 -16.45 7.53
N ARG B 52 -12.05 -15.94 7.36
CA ARG B 52 -11.76 -14.52 7.53
C ARG B 52 -12.50 -13.68 6.47
N GLU B 53 -13.10 -12.58 6.91
CA GLU B 53 -13.90 -11.72 6.01
C GLU B 53 -13.53 -10.24 6.11
N PHE B 54 -13.73 -9.52 5.01
CA PHE B 54 -13.45 -8.08 4.92
C PHE B 54 -14.41 -7.26 5.78
N VAL B 55 -13.88 -6.22 6.43
CA VAL B 55 -14.68 -5.29 7.23
C VAL B 55 -14.54 -3.86 6.71
N ALA B 56 -13.29 -3.37 6.64
CA ALA B 56 -13.03 -2.01 6.18
C ALA B 56 -11.61 -1.83 5.66
N ALA B 57 -11.41 -0.81 4.83
CA ALA B 57 -10.07 -0.46 4.33
C ALA B 57 -9.98 1.04 4.04
N GLY B 58 -8.80 1.61 4.24
CA GLY B 58 -8.61 3.04 4.03
C GLY B 58 -7.35 3.36 3.24
N SER B 59 -7.45 4.34 2.36
CA SER B 59 -6.35 4.74 1.47
C SER B 59 -5.17 5.33 2.25
N SER B 60 -4.06 5.54 1.55
CA SER B 60 -2.80 5.93 2.20
C SER B 60 -2.93 7.19 3.07
N THR B 61 -3.63 8.21 2.57
CA THR B 61 -3.86 9.45 3.31
C THR B 61 -4.98 9.33 4.34
N GLY B 62 -5.87 8.37 4.11
CA GLY B 62 -7.10 8.20 4.89
C GLY B 62 -8.34 8.79 4.23
N ARG B 63 -8.14 9.45 3.08
CA ARG B 63 -9.24 10.12 2.37
C ARG B 63 -10.32 9.18 1.83
N THR B 64 -9.91 8.04 1.27
CA THR B 64 -10.83 7.11 0.60
C THR B 64 -11.02 5.84 1.40
N THR B 65 -12.28 5.50 1.69
CA THR B 65 -12.60 4.33 2.52
C THR B 65 -13.59 3.37 1.86
N TYR B 66 -13.47 2.08 2.19
CA TYR B 66 -14.42 1.04 1.73
C TYR B 66 -14.90 0.17 2.91
N TYR B 67 -16.18 -0.20 2.89
CA TYR B 67 -16.78 -0.97 3.97
C TYR B 67 -17.58 -2.19 3.49
N ALA B 68 -17.58 -3.25 4.30
CA ALA B 68 -18.49 -4.36 4.09
C ALA B 68 -19.92 -3.86 4.31
N ASP B 69 -20.86 -4.38 3.53
CA ASP B 69 -22.25 -3.95 3.59
C ASP B 69 -22.83 -4.09 5.00
N SER B 70 -22.42 -5.15 5.70
CA SER B 70 -22.82 -5.44 7.07
C SER B 70 -22.55 -4.29 8.04
N VAL B 71 -21.40 -3.63 7.88
CA VAL B 71 -20.92 -2.65 8.87
C VAL B 71 -21.07 -1.19 8.44
N LYS B 72 -21.48 -0.98 7.19
CA LYS B 72 -21.64 0.37 6.64
C LYS B 72 -22.54 1.23 7.51
N GLY B 73 -22.06 2.41 7.88
CA GLY B 73 -22.80 3.34 8.73
C GLY B 73 -22.53 3.17 10.21
N ARG B 74 -22.17 1.96 10.62
CA ARG B 74 -21.90 1.63 12.02
C ARG B 74 -20.41 1.71 12.36
N PHE B 75 -19.57 1.24 11.44
CA PHE B 75 -18.12 1.18 11.64
C PHE B 75 -17.42 2.29 10.83
N THR B 76 -16.37 2.87 11.39
CA THR B 76 -15.59 3.89 10.68
C THR B 76 -14.10 3.62 10.82
N ILE B 77 -13.41 3.56 9.68
CA ILE B 77 -11.96 3.38 9.67
C ILE B 77 -11.28 4.75 9.52
N SER B 78 -10.21 4.96 10.27
CA SER B 78 -9.43 6.17 10.16
C SER B 78 -7.96 5.84 10.42
N ARG B 79 -7.07 6.78 10.16
CA ARG B 79 -5.65 6.57 10.42
C ARG B 79 -4.92 7.84 10.84
N ASP B 80 -3.82 7.65 11.56
CA ASP B 80 -2.91 8.71 11.91
C ASP B 80 -1.52 8.24 11.47
N ASN B 81 -1.06 8.76 10.33
CA ASN B 81 0.23 8.34 9.78
C ASN B 81 1.44 8.76 10.61
N ALA B 82 1.31 9.89 11.31
CA ALA B 82 2.36 10.34 12.23
C ALA B 82 2.58 9.33 13.35
N LYS B 83 1.53 8.58 13.69
CA LYS B 83 1.59 7.54 14.73
C LYS B 83 1.70 6.13 14.14
N ASN B 84 1.70 6.02 12.81
CA ASN B 84 1.76 4.73 12.12
C ASN B 84 0.65 3.79 12.62
N THR B 85 -0.55 4.35 12.79
CA THR B 85 -1.67 3.66 13.42
C THR B 85 -2.96 3.79 12.61
N VAL B 86 -3.74 2.71 12.57
CA VAL B 86 -5.06 2.69 11.95
C VAL B 86 -6.10 2.31 13.02
N TYR B 87 -7.29 2.91 12.93
CA TYR B 87 -8.34 2.72 13.93
C TYR B 87 -9.62 2.15 13.32
N LEU B 88 -10.40 1.44 14.14
CA LEU B 88 -11.75 1.04 13.74
C LEU B 88 -12.74 1.40 14.85
N GLN B 89 -13.53 2.45 14.61
CA GLN B 89 -14.57 2.85 15.54
C GLN B 89 -15.81 2.01 15.28
N MET B 90 -16.19 1.20 16.27
CA MET B 90 -17.28 0.25 16.15
C MET B 90 -18.49 0.71 16.97
N ASN B 91 -19.47 1.32 16.29
CA ASN B 91 -20.70 1.77 16.93
C ASN B 91 -21.88 0.83 16.69
N SER B 92 -22.96 1.01 17.46
CA SER B 92 -24.19 0.22 17.33
C SER B 92 -23.92 -1.29 17.23
N LEU B 93 -23.14 -1.81 18.18
CA LEU B 93 -22.69 -3.20 18.14
C LEU B 93 -23.84 -4.21 18.15
N LYS B 94 -23.64 -5.30 17.43
CA LYS B 94 -24.65 -6.37 17.30
C LYS B 94 -24.01 -7.72 17.59
N PRO B 95 -24.81 -8.69 18.08
CA PRO B 95 -24.26 -10.03 18.40
C PRO B 95 -23.54 -10.66 17.20
N GLU B 96 -23.93 -10.26 16.00
CA GLU B 96 -23.34 -10.73 14.74
C GLU B 96 -21.90 -10.27 14.58
N ASP B 97 -21.52 -9.19 15.26
CA ASP B 97 -20.17 -8.63 15.17
C ASP B 97 -19.12 -9.44 15.94
N THR B 98 -19.57 -10.39 16.76
CA THR B 98 -18.67 -11.23 17.55
C THR B 98 -17.69 -12.00 16.66
N ALA B 99 -16.41 -11.68 16.79
CA ALA B 99 -15.36 -12.26 15.95
C ALA B 99 -13.96 -11.87 16.45
N VAL B 100 -12.95 -12.57 15.95
CA VAL B 100 -11.56 -12.15 16.12
C VAL B 100 -11.27 -11.14 15.01
N TYR B 101 -10.84 -9.94 15.40
CA TYR B 101 -10.57 -8.86 14.45
C TYR B 101 -9.07 -8.70 14.18
N TYR B 102 -8.72 -8.65 12.90
CA TYR B 102 -7.33 -8.53 12.48
C TYR B 102 -7.10 -7.22 11.72
N CYS B 103 -6.04 -6.49 12.05
CA CYS B 103 -5.61 -5.40 11.19
C CYS B 103 -4.61 -5.92 10.16
N ALA B 104 -4.54 -5.21 9.03
CA ALA B 104 -3.71 -5.66 7.90
C ALA B 104 -3.24 -4.46 7.11
N ALA B 105 -2.14 -4.63 6.38
CA ALA B 105 -1.58 -3.55 5.57
C ALA B 105 -0.89 -4.06 4.30
N ALA B 106 -0.90 -3.19 3.28
CA ALA B 106 -0.24 -3.42 1.98
C ALA B 106 -0.80 -4.61 1.19
N PRO B 107 -2.01 -4.45 0.61
CA PRO B 107 -2.62 -5.54 -0.15
C PRO B 107 -1.84 -5.84 -1.44
N TYR B 108 -1.73 -7.12 -1.80
CA TYR B 108 -1.02 -7.49 -3.04
C TYR B 108 -1.90 -8.23 -4.05
N GLY B 109 -3.17 -8.43 -3.69
CA GLY B 109 -4.17 -8.91 -4.64
C GLY B 109 -4.75 -7.81 -5.51
N ALA B 110 -5.72 -8.16 -6.35
CA ALA B 110 -6.28 -7.22 -7.33
C ALA B 110 -7.01 -6.02 -6.71
N ASN B 111 -7.58 -6.20 -5.52
CA ASN B 111 -8.32 -5.10 -4.88
C ASN B 111 -8.21 -5.22 -3.35
N TRP B 112 -8.69 -4.22 -2.61
CA TRP B 112 -8.48 -4.18 -1.16
C TRP B 112 -9.45 -5.08 -0.37
N TYR B 113 -10.49 -5.58 -1.04
CA TYR B 113 -11.46 -6.50 -0.43
C TYR B 113 -10.87 -7.90 -0.24
N ARG B 114 -9.92 -8.27 -1.09
CA ARG B 114 -9.31 -9.61 -1.07
C ARG B 114 -8.38 -9.83 0.11
N ASP B 115 -8.43 -11.05 0.64
CA ASP B 115 -7.68 -11.47 1.82
C ASP B 115 -6.20 -11.73 1.50
N GLU B 116 -5.59 -10.82 0.74
CA GLU B 116 -4.20 -10.96 0.32
C GLU B 116 -3.44 -9.69 0.71
N TYR B 117 -2.87 -9.70 1.90
CA TYR B 117 -2.16 -8.53 2.43
C TYR B 117 -0.77 -8.96 2.91
N ALA B 118 0.21 -8.08 2.76
CA ALA B 118 1.60 -8.41 3.08
C ALA B 118 1.88 -8.48 4.58
N TYR B 119 1.10 -7.75 5.37
CA TYR B 119 1.29 -7.71 6.82
C TYR B 119 -0.03 -7.91 7.57
N TRP B 120 0.04 -8.72 8.62
CA TRP B 120 -1.14 -9.06 9.42
C TRP B 120 -0.87 -8.90 10.91
N GLY B 121 -1.88 -8.39 11.62
CA GLY B 121 -1.83 -8.32 13.08
C GLY B 121 -2.09 -9.67 13.73
N GLN B 122 -1.97 -9.71 15.05
CA GLN B 122 -2.13 -10.95 15.82
C GLN B 122 -3.60 -11.31 16.06
N GLY B 123 -4.46 -10.30 16.02
CA GLY B 123 -5.90 -10.48 16.20
C GLY B 123 -6.34 -10.16 17.62
N THR B 124 -7.50 -9.51 17.73
CA THR B 124 -8.10 -9.22 19.04
C THR B 124 -9.53 -9.72 19.12
N GLN B 125 -9.85 -10.43 20.19
CA GLN B 125 -11.19 -11.00 20.37
C GLN B 125 -12.22 -9.91 20.71
N VAL B 126 -13.33 -9.93 19.99
CA VAL B 126 -14.47 -9.05 20.29
C VAL B 126 -15.70 -9.92 20.50
N THR B 127 -16.33 -9.77 21.67
CA THR B 127 -17.54 -10.51 21.99
C THR B 127 -18.67 -9.54 22.33
N VAL B 128 -19.80 -9.70 21.63
CA VAL B 128 -20.98 -8.86 21.87
C VAL B 128 -22.11 -9.73 22.44
N SER B 129 -22.69 -9.28 23.55
CA SER B 129 -23.77 -10.01 24.23
C SER B 129 -25.14 -9.37 23.98
N SER B 130 -26.17 -10.21 23.93
CA SER B 130 -27.54 -9.77 23.69
C SER B 130 -28.15 -9.13 24.94
#